data_3Q3Q
#
_entry.id   3Q3Q
#
_cell.length_a   87.370
_cell.length_b   87.370
_cell.length_c   168.160
_cell.angle_alpha   90.000
_cell.angle_beta   90.000
_cell.angle_gamma   90.000
#
_symmetry.space_group_name_H-M   'P 41 21 2'
#
loop_
_entity.id
_entity.type
_entity.pdbx_description
1 polymer 'Alkaline phosphatase'
2 non-polymer 'ZINC ION'
3 non-polymer 'CALCIUM ION'
4 non-polymer GLYCEROL
5 non-polymer 'methyl dihydrogen phosphate'
6 water water
#
_entity_poly.entity_id   1
_entity_poly.type   'polypeptide(L)'
_entity_poly.pdbx_seq_one_letter_code
;MLKHVAAALLLATAMPVVAQSPAPAAAPAPAARSIAATPPKLIVAISVDQFSADLFSEYRQYYTGGLKRLTSEGAVFPRG
YQSHAATETCPGHSTILTGSRPSRTGIIANNWFDLDAKREDKNLYCAEDESQPGSSSDKYEASPLHLKVPTLGGRMKAAN
PATRVVSVAGKDRAAIMMGGATADQVWWLGGPQGYVSYKGVAPTPLVTQVNQAFAQRLAQPNPGFELPAQCVSKDFPVQA
GNRTVGTGRFARDAGDYKGFRISPEQDAMTLAFAAAAIENMQLGKQAQTDIISIGLSATDYVGHTFGTEGTESCIQVDRL
DTELGAFFDKLDKDGIDYVVVLTADHGGHDLPERHRMNAMPMEQRVDMALTPKALNATIAEKAGLPGKKVIWSDGPSGDI
YYDKGLTAAQRARVETEALKYLRAHPQVQTVFTKAEIAATPSPSGPPESWSLIQEARASFYPSRSGDLLLLLKPRVMSIP
EQAVMGSVATHGSPWDTDRRVPILFWRKGMQHFEQPLGVETVDILPSLAALIKLPVPKDQIDGRCLDLVAGKDDSCAGQH
HHHHH
;
_entity_poly.pdbx_strand_id   A
#
loop_
_chem_comp.id
_chem_comp.type
_chem_comp.name
_chem_comp.formula
CA non-polymer 'CALCIUM ION' 'Ca 2'
GOL non-polymer GLYCEROL 'C3 H8 O3'
KOP non-polymer 'methyl dihydrogen phosphate' 'C H5 O4 P'
ZN non-polymer 'ZINC ION' 'Zn 2'
#
# COMPACT_ATOMS: atom_id res chain seq x y z
N ALA A 31 -22.72 -22.35 16.06
CA ALA A 31 -22.16 -21.40 15.09
C ALA A 31 -22.11 -19.96 15.61
N ALA A 32 -23.25 -19.38 15.97
CA ALA A 32 -23.29 -17.97 16.40
C ALA A 32 -22.34 -17.71 17.58
N ARG A 33 -21.43 -16.75 17.42
CA ARG A 33 -20.45 -16.46 18.47
C ARG A 33 -19.79 -15.08 18.30
N SER A 34 -19.85 -14.27 19.35
CA SER A 34 -19.33 -12.91 19.30
C SER A 34 -17.84 -12.85 18.97
N ILE A 35 -17.46 -11.90 18.10
CA ILE A 35 -16.07 -11.72 17.73
C ILE A 35 -15.19 -11.40 18.94
N ALA A 36 -15.81 -10.89 20.00
CA ALA A 36 -15.07 -10.53 21.21
C ALA A 36 -15.31 -11.49 22.37
N ALA A 37 -15.89 -12.66 22.08
CA ALA A 37 -16.22 -13.63 23.13
C ALA A 37 -15.00 -14.06 23.94
N THR A 38 -13.91 -14.34 23.23
CA THR A 38 -12.63 -14.69 23.83
C THR A 38 -11.55 -14.20 22.88
N PRO A 39 -10.32 -14.06 23.38
CA PRO A 39 -9.20 -13.69 22.51
C PRO A 39 -8.98 -14.72 21.42
N PRO A 40 -8.87 -14.27 20.16
CA PRO A 40 -8.51 -15.16 19.06
C PRO A 40 -7.10 -15.66 19.28
N LYS A 41 -6.76 -16.83 18.73
CA LYS A 41 -5.42 -17.38 18.91
C LYS A 41 -4.46 -16.97 17.78
N LEU A 42 -5.04 -16.47 16.70
CA LEU A 42 -4.25 -16.03 15.55
C LEU A 42 -4.90 -14.81 14.91
N ILE A 43 -4.11 -13.77 14.70
CA ILE A 43 -4.54 -12.62 13.92
C ILE A 43 -3.91 -12.76 12.54
N VAL A 44 -4.74 -12.71 11.51
CA VAL A 44 -4.27 -12.78 10.13
C VAL A 44 -4.58 -11.42 9.51
N ALA A 45 -3.54 -10.68 9.17
CA ALA A 45 -3.73 -9.35 8.61
C ALA A 45 -3.32 -9.39 7.16
N ILE A 46 -4.25 -9.05 6.27
CA ILE A 46 -3.97 -9.14 4.86
C ILE A 46 -4.07 -7.77 4.21
N SER A 47 -3.00 -7.35 3.56
CA SER A 47 -3.01 -6.12 2.78
C SER A 47 -2.98 -6.47 1.31
N VAL A 48 -4.07 -6.14 0.61
CA VAL A 48 -4.09 -6.35 -0.84
C VAL A 48 -3.68 -5.04 -1.49
N ASP A 49 -2.51 -5.05 -2.13
CA ASP A 49 -1.88 -3.84 -2.62
C ASP A 49 -2.69 -3.21 -3.77
N GLN A 50 -3.07 -1.94 -3.61
CA GLN A 50 -3.93 -1.24 -4.58
C GLN A 50 -5.36 -1.80 -4.74
N PHE A 51 -5.86 -2.52 -3.75
CA PHE A 51 -7.23 -3.01 -3.79
C PHE A 51 -8.16 -1.89 -3.33
N SER A 52 -8.41 -0.93 -4.23
CA SER A 52 -9.18 0.26 -3.86
C SER A 52 -10.63 -0.09 -3.52
N ALA A 53 -11.27 0.78 -2.74
CA ALA A 53 -12.68 0.62 -2.46
C ALA A 53 -13.50 0.59 -3.75
N ASP A 54 -13.14 1.41 -4.72
CA ASP A 54 -13.81 1.36 -6.04
C ASP A 54 -13.74 -0.03 -6.70
N LEU A 55 -12.56 -0.62 -6.73
CA LEU A 55 -12.38 -1.92 -7.39
C LEU A 55 -13.08 -3.02 -6.56
N PHE A 56 -12.85 -2.96 -5.24
CA PHE A 56 -13.56 -3.83 -4.31
C PHE A 56 -15.09 -3.76 -4.48
N SER A 57 -15.64 -2.55 -4.58
CA SER A 57 -17.10 -2.39 -4.65
C SER A 57 -17.67 -2.86 -5.98
N GLU A 58 -16.90 -2.63 -7.05
CA GLU A 58 -17.34 -3.01 -8.38
C GLU A 58 -17.59 -4.52 -8.50
N TYR A 59 -16.69 -5.33 -7.96
CA TYR A 59 -16.78 -6.78 -8.18
C TYR A 59 -17.40 -7.53 -7.02
N ARG A 60 -17.82 -6.77 -6.02
CA ARG A 60 -18.42 -7.33 -4.82
C ARG A 60 -19.56 -8.31 -5.09
N GLN A 61 -20.40 -8.00 -6.08
CA GLN A 61 -21.54 -8.88 -6.35
C GLN A 61 -21.14 -10.20 -6.99
N TYR A 62 -19.87 -10.36 -7.35
CA TYR A 62 -19.45 -11.62 -7.98
C TYR A 62 -18.60 -12.50 -7.08
N TYR A 63 -18.25 -12.03 -5.88
CA TYR A 63 -17.40 -12.85 -5.01
C TYR A 63 -18.15 -14.13 -4.64
N THR A 64 -17.43 -15.24 -4.60
CA THR A 64 -18.03 -16.50 -4.20
C THR A 64 -17.13 -17.24 -3.21
N GLY A 65 -15.90 -16.74 -3.03
CA GLY A 65 -14.88 -17.41 -2.23
C GLY A 65 -14.54 -16.68 -0.93
N GLY A 66 -13.26 -16.41 -0.71
CA GLY A 66 -12.83 -15.72 0.50
C GLY A 66 -13.37 -14.32 0.67
N LEU A 67 -13.49 -13.58 -0.42
CA LEU A 67 -14.03 -12.23 -0.27
C LEU A 67 -15.52 -12.28 0.03
N LYS A 68 -16.20 -13.33 -0.43
CA LYS A 68 -17.62 -13.48 -0.11
C LYS A 68 -17.78 -13.69 1.38
N ARG A 69 -16.92 -14.53 1.94
CA ARG A 69 -16.96 -14.83 3.37
C ARG A 69 -16.85 -13.52 4.15
N LEU A 70 -15.85 -12.72 3.81
CA LEU A 70 -15.59 -11.47 4.51
C LEU A 70 -16.76 -10.49 4.39
N THR A 71 -17.31 -10.34 3.18
CA THR A 71 -18.32 -9.30 2.98
C THR A 71 -19.72 -9.70 3.46
N SER A 72 -20.02 -10.99 3.51
CA SER A 72 -21.37 -11.41 3.91
C SER A 72 -21.45 -11.75 5.39
N GLU A 73 -20.32 -12.07 6.01
CA GLU A 73 -20.32 -12.51 7.41
C GLU A 73 -19.56 -11.59 8.34
N GLY A 74 -18.72 -10.71 7.78
CA GLY A 74 -17.83 -9.93 8.62
C GLY A 74 -18.31 -8.55 9.04
N ALA A 75 -17.44 -7.82 9.72
CA ALA A 75 -17.63 -6.41 9.99
C ALA A 75 -17.09 -5.65 8.78
N VAL A 76 -18.00 -5.05 8.02
CA VAL A 76 -17.64 -4.48 6.73
C VAL A 76 -17.63 -2.94 6.77
N PHE A 77 -16.44 -2.37 6.55
CA PHE A 77 -16.27 -0.92 6.44
C PHE A 77 -15.83 -0.64 4.98
N PRO A 78 -16.80 -0.40 4.09
CA PRO A 78 -16.48 -0.28 2.66
C PRO A 78 -15.87 1.08 2.36
N ARG A 79 -15.87 1.98 3.34
N ARG A 79 -15.79 1.89 3.41
CA ARG A 79 -15.30 3.30 3.11
CA ARG A 79 -15.42 3.29 3.33
C ARG A 79 -14.20 3.59 4.12
C ARG A 79 -14.20 3.58 4.19
N GLY A 80 -13.19 2.73 4.13
CA GLY A 80 -12.00 2.96 4.92
C GLY A 80 -11.11 3.95 4.18
N TYR A 81 -10.20 4.58 4.92
CA TYR A 81 -9.30 5.59 4.37
C TYR A 81 -7.87 5.35 4.77
N GLN A 82 -7.00 5.25 3.77
CA GLN A 82 -5.60 5.59 3.96
C GLN A 82 -5.63 7.12 3.91
N SER A 83 -5.75 7.74 5.07
CA SER A 83 -6.30 9.09 5.20
C SER A 83 -5.38 10.24 4.75
N HIS A 84 -4.07 9.96 4.73
CA HIS A 84 -3.05 10.95 4.41
C HIS A 84 -3.02 11.22 2.91
N ALA A 85 -2.23 12.20 2.52
CA ALA A 85 -2.15 12.61 1.12
C ALA A 85 -1.24 11.68 0.31
N ALA A 86 -0.19 11.14 0.93
CA ALA A 86 0.80 10.35 0.22
C ALA A 86 0.36 8.90 0.01
N THR A 87 -0.55 8.70 -0.94
CA THR A 87 -1.24 7.42 -1.11
C THR A 87 -0.38 6.40 -1.87
N GLU A 88 0.80 6.12 -1.32
CA GLU A 88 1.75 5.16 -1.86
C GLU A 88 1.89 3.94 -0.93
N THR A 89 2.56 2.90 -1.44
CA THR A 89 2.66 1.61 -0.76
C THR A 89 3.33 1.68 0.62
N CYS A 90 4.48 2.33 0.72
CA CYS A 90 5.19 2.34 1.99
C CYS A 90 4.42 3.09 3.10
N PRO A 91 3.99 4.33 2.83
CA PRO A 91 3.21 5.05 3.84
C PRO A 91 1.96 4.24 4.23
N GLY A 92 1.28 3.69 3.22
CA GLY A 92 0.08 2.90 3.46
C GLY A 92 0.30 1.66 4.33
N HIS A 93 1.32 0.87 4.01
CA HIS A 93 1.59 -0.30 4.81
C HIS A 93 2.04 0.07 6.23
N SER A 94 2.68 1.23 6.36
CA SER A 94 3.14 1.69 7.66
C SER A 94 1.99 2.01 8.61
N THR A 95 0.78 2.24 8.08
CA THR A 95 -0.36 2.57 8.94
C THR A 95 -1.12 1.34 9.42
N ILE A 96 -1.04 0.24 8.66
CA ILE A 96 -1.99 -0.84 8.84
C ILE A 96 -1.90 -1.53 10.19
N LEU A 97 -0.69 -1.86 10.62
CA LEU A 97 -0.52 -2.50 11.91
C LEU A 97 0.21 -1.64 12.91
N THR A 98 0.15 -0.31 12.76
CA THR A 98 0.82 0.55 13.73
C THR A 98 -0.15 1.51 14.43
N GLY A 99 -1.36 1.65 13.89
CA GLY A 99 -2.32 2.58 14.44
C GLY A 99 -1.86 4.01 14.28
N SER A 100 -0.87 4.20 13.41
CA SER A 100 -0.18 5.47 13.29
C SER A 100 -0.16 5.99 11.87
N ARG A 101 -0.43 7.28 11.72
CA ARG A 101 -0.33 7.93 10.42
C ARG A 101 1.12 8.13 10.00
N PRO A 102 1.35 8.37 8.70
CA PRO A 102 2.75 8.54 8.31
C PRO A 102 3.43 9.72 9.01
N SER A 103 2.63 10.67 9.52
CA SER A 103 3.20 11.79 10.28
C SER A 103 3.87 11.29 11.55
N ARG A 104 3.42 10.13 12.04
CA ARG A 104 4.01 9.48 13.21
C ARG A 104 4.98 8.34 12.86
N THR A 105 4.68 7.55 11.82
CA THR A 105 5.57 6.43 11.47
C THR A 105 6.85 6.95 10.83
N GLY A 106 6.78 8.15 10.25
CA GLY A 106 7.92 8.72 9.55
C GLY A 106 8.05 8.20 8.12
N ILE A 107 7.14 7.31 7.71
CA ILE A 107 7.21 6.76 6.36
C ILE A 107 6.33 7.61 5.46
N ILE A 108 6.88 8.71 4.94
CA ILE A 108 6.03 9.70 4.27
C ILE A 108 5.92 9.52 2.75
N ALA A 109 6.69 8.58 2.20
CA ALA A 109 6.66 8.28 0.77
C ALA A 109 7.43 7.01 0.52
N ASN A 110 7.37 6.48 -0.71
CA ASN A 110 8.22 5.36 -1.08
C ASN A 110 9.69 5.75 -1.14
N ASN A 111 9.95 6.99 -1.56
CA ASN A 111 11.29 7.56 -1.53
C ASN A 111 11.22 9.00 -1.04
N TRP A 112 12.19 9.43 -0.24
CA TRP A 112 12.32 10.84 0.11
C TRP A 112 13.78 11.27 0.08
N PHE A 113 14.02 12.57 -0.08
CA PHE A 113 15.39 13.06 -0.15
C PHE A 113 15.92 13.42 1.23
N ASP A 114 17.14 12.97 1.51
CA ASP A 114 17.90 13.51 2.62
C ASP A 114 19.12 14.20 2.03
N LEU A 115 18.98 15.49 1.73
CA LEU A 115 20.06 16.21 1.08
C LEU A 115 21.32 16.30 1.94
N ASP A 116 21.20 15.96 3.23
CA ASP A 116 22.37 15.95 4.13
C ASP A 116 22.99 14.56 4.28
N ALA A 117 22.55 13.60 3.46
CA ALA A 117 23.03 12.24 3.59
C ALA A 117 24.51 12.14 3.27
N LYS A 118 25.22 11.26 3.97
CA LYS A 118 26.65 11.11 3.74
C LYS A 118 26.95 10.63 2.33
N ARG A 119 26.24 9.59 1.90
CA ARG A 119 26.50 8.97 0.61
C ARG A 119 26.10 9.89 -0.55
N GLU A 120 26.53 9.54 -1.76
CA GLU A 120 26.22 10.35 -2.94
C GLU A 120 24.73 10.43 -3.23
N ASP A 121 24.06 9.29 -3.25
CA ASP A 121 22.63 9.24 -3.58
C ASP A 121 21.77 9.79 -2.46
N LYS A 122 21.26 11.01 -2.64
CA LYS A 122 20.47 11.67 -1.61
C LYS A 122 19.05 11.12 -1.55
N ASN A 123 18.70 10.28 -2.51
CA ASN A 123 17.39 9.67 -2.51
C ASN A 123 17.40 8.45 -1.58
N LEU A 124 16.48 8.42 -0.61
CA LEU A 124 16.40 7.30 0.31
C LEU A 124 15.16 6.47 0.05
N TYR A 125 15.35 5.15 -0.04
CA TYR A 125 14.23 4.23 -0.15
C TYR A 125 13.58 4.05 1.22
N CYS A 126 12.26 3.96 1.26
CA CYS A 126 11.54 3.92 2.55
C CYS A 126 12.00 2.75 3.43
N ALA A 127 12.36 1.62 2.82
CA ALA A 127 12.69 0.43 3.60
C ALA A 127 14.16 0.00 3.48
N GLU A 128 15.06 0.98 3.45
CA GLU A 128 16.50 0.66 3.44
C GLU A 128 17.20 1.27 4.64
N ASP A 129 18.42 0.79 4.87
CA ASP A 129 19.33 1.39 5.84
C ASP A 129 20.47 2.06 5.07
N GLU A 130 20.30 3.35 4.80
CA GLU A 130 21.22 4.09 3.93
C GLU A 130 22.60 4.28 4.56
N SER A 131 22.74 3.98 5.85
CA SER A 131 24.03 4.11 6.51
C SER A 131 25.02 3.00 6.11
N GLN A 132 24.55 2.00 5.36
CA GLN A 132 25.42 0.92 4.95
C GLN A 132 26.32 1.33 3.77
N PRO A 133 27.61 0.96 3.83
CA PRO A 133 28.59 1.42 2.85
C PRO A 133 28.26 0.94 1.45
N GLY A 134 28.56 1.78 0.46
CA GLY A 134 28.34 1.41 -0.92
C GLY A 134 26.88 1.21 -1.28
N SER A 135 25.99 1.60 -0.39
CA SER A 135 24.56 1.49 -0.69
C SER A 135 24.09 2.68 -1.52
N SER A 136 23.05 2.46 -2.31
CA SER A 136 22.33 3.54 -2.97
C SER A 136 20.87 3.13 -3.02
N SER A 137 19.99 4.05 -3.39
CA SER A 137 18.57 3.72 -3.50
C SER A 137 18.30 2.67 -4.57
N ASP A 138 19.24 2.50 -5.50
CA ASP A 138 19.09 1.47 -6.53
C ASP A 138 19.62 0.12 -6.08
N LYS A 139 20.46 0.12 -5.05
CA LYS A 139 21.08 -1.09 -4.54
C LYS A 139 21.18 -0.94 -3.03
N TYR A 140 20.11 -1.31 -2.34
CA TYR A 140 19.98 -1.00 -0.92
C TYR A 140 19.94 -2.25 -0.07
N GLU A 141 20.10 -2.06 1.24
CA GLU A 141 19.95 -3.15 2.19
C GLU A 141 18.62 -2.99 2.90
N ALA A 142 17.72 -3.95 2.72
CA ALA A 142 16.40 -3.89 3.35
C ALA A 142 16.53 -3.78 4.87
N SER A 143 15.67 -2.96 5.46
CA SER A 143 15.72 -2.68 6.90
C SER A 143 14.43 -1.97 7.32
N PRO A 144 13.96 -2.24 8.52
CA PRO A 144 12.83 -1.48 9.08
C PRO A 144 13.31 -0.24 9.85
N LEU A 145 14.59 0.08 9.76
CA LEU A 145 15.14 1.19 10.57
C LEU A 145 14.36 2.52 10.46
N HIS A 146 13.82 2.84 9.29
CA HIS A 146 13.11 4.12 9.12
C HIS A 146 11.78 4.24 9.88
N LEU A 147 11.21 3.09 10.25
CA LEU A 147 9.90 3.07 10.90
C LEU A 147 10.02 3.50 12.36
N LYS A 148 9.33 4.57 12.73
CA LYS A 148 9.55 5.20 14.05
C LYS A 148 8.73 4.56 15.19
N VAL A 149 7.74 3.75 14.85
CA VAL A 149 6.84 3.18 15.88
C VAL A 149 6.75 1.65 15.81
N PRO A 150 6.32 1.03 16.91
CA PRO A 150 6.16 -0.43 16.88
C PRO A 150 4.94 -0.81 16.08
N THR A 151 4.91 -2.05 15.62
CA THR A 151 3.72 -2.62 14.98
C THR A 151 2.94 -3.39 16.05
N LEU A 152 1.77 -3.89 15.67
CA LEU A 152 0.95 -4.68 16.58
C LEU A 152 1.70 -5.91 17.03
N GLY A 153 2.39 -6.57 16.10
CA GLY A 153 3.26 -7.69 16.45
C GLY A 153 4.31 -7.29 17.46
N GLY A 154 4.93 -6.12 17.26
CA GLY A 154 5.93 -5.61 18.19
C GLY A 154 5.34 -5.36 19.56
N ARG A 155 4.11 -4.83 19.59
CA ARG A 155 3.47 -4.57 20.87
C ARG A 155 3.08 -5.88 21.56
N MET A 156 2.60 -6.86 20.78
CA MET A 156 2.20 -8.14 21.35
C MET A 156 3.41 -8.84 21.96
N LYS A 157 4.50 -8.85 21.22
CA LYS A 157 5.74 -9.46 21.70
C LYS A 157 6.29 -8.75 22.92
N ALA A 158 6.12 -7.43 23.00
CA ALA A 158 6.54 -6.70 24.19
C ALA A 158 5.75 -7.16 25.41
N ALA A 159 4.46 -7.41 25.23
CA ALA A 159 3.59 -7.87 26.33
C ALA A 159 3.78 -9.36 26.64
N ASN A 160 4.12 -10.15 25.62
CA ASN A 160 4.31 -11.59 25.80
C ASN A 160 5.34 -12.16 24.81
N PRO A 161 6.56 -12.40 25.30
CA PRO A 161 7.71 -12.88 24.52
C PRO A 161 7.45 -14.16 23.72
N ALA A 162 6.45 -14.96 24.10
CA ALA A 162 6.17 -16.19 23.36
C ALA A 162 5.46 -15.94 22.02
N THR A 163 5.00 -14.71 21.82
CA THR A 163 4.32 -14.36 20.57
C THR A 163 5.21 -14.57 19.35
N ARG A 164 4.68 -15.23 18.34
CA ARG A 164 5.36 -15.28 17.05
C ARG A 164 4.79 -14.20 16.13
N VAL A 165 5.68 -13.47 15.46
CA VAL A 165 5.29 -12.41 14.55
C VAL A 165 5.91 -12.72 13.19
N VAL A 166 5.03 -12.99 12.22
CA VAL A 166 5.46 -13.40 10.90
C VAL A 166 4.91 -12.44 9.87
N SER A 167 5.67 -12.18 8.82
CA SER A 167 5.22 -11.25 7.80
C SER A 167 5.79 -11.70 6.46
N VAL A 168 4.89 -11.99 5.52
CA VAL A 168 5.29 -12.42 4.18
C VAL A 168 4.57 -11.54 3.14
N ALA A 169 5.28 -11.21 2.06
CA ALA A 169 4.67 -10.36 1.04
C ALA A 169 5.36 -10.50 -0.31
N GLY A 170 4.73 -9.95 -1.33
CA GLY A 170 5.35 -9.88 -2.65
C GLY A 170 6.38 -8.76 -2.74
N LYS A 171 6.31 -7.78 -1.85
CA LYS A 171 7.22 -6.64 -1.90
C LYS A 171 7.93 -6.53 -0.56
N ASP A 172 9.23 -6.22 -0.59
CA ASP A 172 9.92 -6.06 0.68
C ASP A 172 9.27 -5.00 1.59
N ARG A 173 8.97 -3.83 1.04
CA ARG A 173 8.41 -2.75 1.87
C ARG A 173 7.10 -3.12 2.57
N ALA A 174 6.28 -3.95 1.94
CA ALA A 174 5.03 -4.40 2.57
C ALA A 174 5.30 -5.33 3.74
N ALA A 175 6.13 -6.34 3.52
CA ALA A 175 6.47 -7.28 4.58
C ALA A 175 7.15 -6.56 5.76
N ILE A 176 8.12 -5.73 5.44
CA ILE A 176 8.92 -5.05 6.46
C ILE A 176 8.09 -4.09 7.32
N MET A 177 7.28 -3.26 6.69
CA MET A 177 6.45 -2.30 7.43
C MET A 177 5.32 -2.91 8.25
N MET A 178 4.79 -4.05 7.85
CA MET A 178 3.74 -4.72 8.64
C MET A 178 4.32 -5.53 9.79
N GLY A 179 5.49 -6.11 9.56
CA GLY A 179 6.16 -6.90 10.59
C GLY A 179 6.86 -6.08 11.68
N GLY A 180 7.54 -5.00 11.31
CA GLY A 180 8.29 -4.22 12.29
C GLY A 180 9.62 -4.84 12.70
N ALA A 181 10.38 -4.09 13.49
CA ALA A 181 11.77 -4.44 13.83
C ALA A 181 11.94 -5.72 14.65
N THR A 182 10.90 -6.15 15.35
CA THR A 182 11.05 -7.33 16.22
C THR A 182 10.34 -8.59 15.72
N ALA A 183 9.87 -8.55 14.48
CA ALA A 183 9.26 -9.72 13.86
C ALA A 183 10.23 -10.91 13.84
N ASP A 184 9.69 -12.12 14.00
CA ASP A 184 10.48 -13.35 13.96
C ASP A 184 10.87 -13.75 12.55
N GLN A 185 9.95 -13.58 11.61
CA GLN A 185 10.14 -14.02 10.23
C GLN A 185 9.60 -12.93 9.31
N VAL A 186 10.44 -12.42 8.42
CA VAL A 186 10.01 -11.43 7.45
C VAL A 186 10.50 -11.89 6.10
N TRP A 187 9.58 -12.24 5.21
CA TRP A 187 9.95 -12.78 3.91
C TRP A 187 9.25 -12.06 2.78
N TRP A 188 9.96 -11.86 1.68
CA TRP A 188 9.36 -11.22 0.52
C TRP A 188 9.94 -11.79 -0.77
N LEU A 189 9.23 -11.59 -1.87
CA LEU A 189 9.64 -12.12 -3.15
C LEU A 189 10.84 -11.32 -3.63
N GLY A 190 11.98 -11.97 -3.83
CA GLY A 190 13.21 -11.27 -4.16
C GLY A 190 13.55 -11.26 -5.65
N GLY A 191 12.81 -12.04 -6.43
CA GLY A 191 13.13 -12.24 -7.83
C GLY A 191 12.97 -13.70 -8.20
N PRO A 192 13.57 -14.13 -9.32
CA PRO A 192 13.41 -15.52 -9.81
C PRO A 192 13.87 -16.56 -8.80
N GLN A 193 14.65 -16.17 -7.81
CA GLN A 193 15.11 -17.09 -6.77
C GLN A 193 14.04 -17.37 -5.72
N GLY A 194 12.97 -16.58 -5.72
CA GLY A 194 11.90 -16.80 -4.76
C GLY A 194 11.99 -15.90 -3.53
N TYR A 195 11.51 -16.41 -2.41
CA TYR A 195 11.40 -15.57 -1.23
C TYR A 195 12.72 -15.45 -0.49
N VAL A 196 13.00 -14.24 -0.01
CA VAL A 196 14.25 -13.95 0.69
C VAL A 196 13.93 -13.10 1.92
N SER A 197 14.94 -12.86 2.75
CA SER A 197 14.74 -12.01 3.93
C SER A 197 15.89 -11.02 4.03
N TYR A 198 16.06 -10.43 5.21
CA TYR A 198 17.20 -9.57 5.46
C TYR A 198 18.56 -10.25 5.24
N LYS A 199 19.58 -9.43 5.00
CA LYS A 199 20.94 -9.94 4.86
C LYS A 199 21.30 -10.77 6.08
N GLY A 200 21.90 -11.94 5.86
CA GLY A 200 22.33 -12.78 6.96
C GLY A 200 21.36 -13.89 7.30
N VAL A 201 20.11 -13.74 6.87
CA VAL A 201 19.07 -14.70 7.22
C VAL A 201 18.99 -15.85 6.23
N ALA A 202 19.39 -17.04 6.67
CA ALA A 202 19.39 -18.20 5.79
C ALA A 202 17.96 -18.70 5.56
N PRO A 203 17.71 -19.29 4.38
CA PRO A 203 16.42 -19.93 4.15
C PRO A 203 16.24 -21.06 5.15
N THR A 204 15.07 -21.14 5.75
CA THR A 204 14.71 -22.29 6.57
C THR A 204 14.26 -23.42 5.65
N PRO A 205 14.14 -24.64 6.18
CA PRO A 205 13.61 -25.75 5.38
C PRO A 205 12.25 -25.45 4.75
N LEU A 206 11.38 -24.77 5.47
CA LEU A 206 10.10 -24.38 4.90
C LEU A 206 10.31 -23.48 3.69
N VAL A 207 11.19 -22.48 3.85
CA VAL A 207 11.45 -21.53 2.76
C VAL A 207 12.06 -22.20 1.54
N THR A 208 13.04 -23.08 1.73
CA THR A 208 13.61 -23.77 0.58
C THR A 208 12.56 -24.61 -0.13
N GLN A 209 11.67 -25.23 0.65
CA GLN A 209 10.57 -26.02 0.09
C GLN A 209 9.61 -25.14 -0.72
N VAL A 210 9.23 -24.00 -0.14
CA VAL A 210 8.39 -23.03 -0.83
C VAL A 210 9.06 -22.55 -2.12
N ASN A 211 10.35 -22.20 -2.04
CA ASN A 211 11.10 -21.73 -3.20
C ASN A 211 11.30 -22.80 -4.27
N GLN A 212 11.37 -24.06 -3.85
CA GLN A 212 11.39 -25.16 -4.81
C GLN A 212 10.08 -25.21 -5.59
N ALA A 213 8.96 -25.13 -4.88
CA ALA A 213 7.64 -25.13 -5.52
C ALA A 213 7.49 -23.93 -6.46
N PHE A 214 7.94 -22.78 -6.00
CA PHE A 214 7.90 -21.58 -6.80
C PHE A 214 8.75 -21.74 -8.06
N ALA A 215 9.93 -22.32 -7.89
CA ALA A 215 10.81 -22.55 -9.04
C ALA A 215 10.13 -23.47 -10.06
N GLN A 216 9.41 -24.47 -9.57
CA GLN A 216 8.72 -25.42 -10.45
C GLN A 216 7.58 -24.73 -11.19
N ARG A 217 6.91 -23.82 -10.50
CA ARG A 217 5.75 -23.13 -11.11
C ARG A 217 6.26 -22.17 -12.19
N LEU A 218 7.35 -21.47 -11.88
CA LEU A 218 7.94 -20.50 -12.80
C LEU A 218 8.46 -21.13 -14.09
N ALA A 219 9.00 -22.34 -13.97
CA ALA A 219 9.57 -23.03 -15.13
C ALA A 219 8.49 -23.56 -16.09
N GLN A 220 7.23 -23.52 -15.68
CA GLN A 220 6.13 -23.96 -16.52
C GLN A 220 5.47 -22.79 -17.24
N PRO A 221 5.13 -22.96 -18.51
CA PRO A 221 4.31 -21.95 -19.21
C PRO A 221 2.95 -21.83 -18.53
N ASN A 222 2.33 -20.66 -18.59
CA ASN A 222 0.96 -20.51 -18.10
C ASN A 222 0.11 -20.17 -19.31
N PRO A 223 -0.90 -21.01 -19.61
CA PRO A 223 -1.74 -20.81 -20.80
C PRO A 223 -2.56 -19.53 -20.70
N GLY A 224 -2.69 -19.00 -19.49
CA GLY A 224 -3.55 -17.85 -19.23
C GLY A 224 -4.89 -18.28 -18.69
N PHE A 225 -5.74 -17.30 -18.40
CA PHE A 225 -7.08 -17.56 -17.87
C PHE A 225 -8.14 -17.14 -18.86
N GLU A 226 -9.16 -17.98 -19.07
CA GLU A 226 -10.35 -17.55 -19.79
C GLU A 226 -11.11 -16.59 -18.88
N LEU A 227 -11.94 -15.74 -19.47
CA LEU A 227 -12.60 -14.68 -18.70
C LEU A 227 -13.71 -15.19 -17.79
N PRO A 228 -13.70 -14.78 -16.51
CA PRO A 228 -14.92 -14.96 -15.70
C PRO A 228 -16.10 -14.23 -16.36
N ALA A 229 -17.33 -14.68 -16.14
CA ALA A 229 -18.49 -14.06 -16.76
C ALA A 229 -18.45 -12.53 -16.66
N GLN A 230 -18.11 -12.03 -15.48
CA GLN A 230 -18.12 -10.59 -15.24
C GLN A 230 -17.00 -9.84 -15.99
N CYS A 231 -15.97 -10.56 -16.42
CA CYS A 231 -14.86 -9.93 -17.13
C CYS A 231 -15.10 -9.78 -18.64
N VAL A 232 -16.11 -10.49 -19.17
CA VAL A 232 -16.37 -10.47 -20.62
C VAL A 232 -16.63 -9.07 -21.15
N SER A 233 -17.39 -8.29 -20.40
CA SER A 233 -17.73 -6.92 -20.78
C SER A 233 -16.51 -5.99 -20.81
N LYS A 234 -15.42 -6.40 -20.16
CA LYS A 234 -14.24 -5.54 -20.04
C LYS A 234 -13.22 -5.79 -21.14
N ASP A 235 -13.54 -6.75 -22.01
CA ASP A 235 -12.59 -7.27 -22.98
C ASP A 235 -12.56 -6.43 -24.26
N PHE A 236 -11.91 -5.27 -24.19
CA PHE A 236 -11.64 -4.49 -25.39
C PHE A 236 -10.30 -3.76 -25.26
N PRO A 237 -9.61 -3.55 -26.39
CA PRO A 237 -8.27 -2.99 -26.33
C PRO A 237 -8.30 -1.48 -26.13
N VAL A 238 -7.30 -0.97 -25.42
CA VAL A 238 -7.16 0.46 -25.19
C VAL A 238 -5.71 0.83 -25.46
N GLN A 239 -5.46 1.77 -26.37
CA GLN A 239 -4.10 2.20 -26.65
C GLN A 239 -3.62 3.33 -25.73
N ALA A 240 -2.38 3.20 -25.25
CA ALA A 240 -1.74 4.24 -24.45
C ALA A 240 -0.27 4.24 -24.84
N GLY A 241 0.14 5.27 -25.55
CA GLY A 241 1.46 5.29 -26.15
C GLY A 241 1.66 4.09 -27.06
N ASN A 242 2.79 3.40 -26.89
CA ASN A 242 3.12 2.25 -27.71
C ASN A 242 2.46 0.97 -27.20
N ARG A 243 1.65 1.10 -26.15
CA ARG A 243 1.04 -0.06 -25.53
C ARG A 243 -0.46 -0.20 -25.79
N THR A 244 -0.91 -1.44 -25.78
CA THR A 244 -2.32 -1.78 -25.81
C THR A 244 -2.63 -2.59 -24.56
N VAL A 245 -3.68 -2.20 -23.84
CA VAL A 245 -4.09 -2.95 -22.65
C VAL A 245 -5.60 -3.18 -22.72
N GLY A 246 -6.11 -4.00 -21.81
CA GLY A 246 -7.55 -4.20 -21.69
C GLY A 246 -8.01 -5.61 -22.00
N THR A 247 -7.16 -6.41 -22.64
CA THR A 247 -7.56 -7.75 -23.09
C THR A 247 -6.62 -8.85 -22.60
N GLY A 248 -5.66 -8.49 -21.76
CA GLY A 248 -4.68 -9.44 -21.28
C GLY A 248 -5.29 -10.57 -20.45
N ARG A 249 -4.70 -11.75 -20.53
CA ARG A 249 -5.19 -12.91 -19.79
C ARG A 249 -4.12 -13.63 -18.98
N PHE A 250 -2.96 -13.01 -18.86
CA PHE A 250 -1.83 -13.54 -18.09
C PHE A 250 -1.20 -14.82 -18.65
N ALA A 251 -1.33 -15.04 -19.95
CA ALA A 251 -0.53 -16.08 -20.59
C ALA A 251 0.93 -15.65 -20.45
N ARG A 252 1.83 -16.59 -20.16
CA ARG A 252 3.24 -16.24 -20.07
C ARG A 252 4.13 -17.41 -20.43
N ASP A 253 5.33 -17.08 -20.91
CA ASP A 253 6.31 -18.09 -21.28
C ASP A 253 6.97 -18.65 -20.03
N ALA A 254 7.50 -19.86 -20.13
CA ALA A 254 8.30 -20.43 -19.07
C ALA A 254 9.42 -19.45 -18.72
N GLY A 255 9.77 -19.38 -17.44
CA GLY A 255 10.89 -18.56 -16.98
C GLY A 255 10.69 -17.05 -17.07
N ASP A 256 9.50 -16.62 -17.47
CA ASP A 256 9.19 -15.20 -17.55
C ASP A 256 8.84 -14.64 -16.17
N TYR A 257 9.85 -14.17 -15.45
CA TYR A 257 9.63 -13.74 -14.08
C TYR A 257 8.78 -12.47 -14.01
N LYS A 258 9.00 -11.55 -14.95
CA LYS A 258 8.22 -10.33 -15.00
C LYS A 258 6.74 -10.68 -15.17
N GLY A 259 6.45 -11.62 -16.08
CA GLY A 259 5.10 -12.08 -16.32
C GLY A 259 4.49 -12.71 -15.07
N PHE A 260 5.29 -13.51 -14.37
CA PHE A 260 4.85 -14.14 -13.14
C PHE A 260 4.51 -13.09 -12.06
N ARG A 261 5.40 -12.11 -11.91
CA ARG A 261 5.22 -11.06 -10.90
C ARG A 261 3.95 -10.24 -11.17
N ILE A 262 3.74 -9.89 -12.44
CA ILE A 262 2.59 -9.08 -12.81
C ILE A 262 1.43 -10.00 -13.17
N SER A 263 0.95 -10.76 -12.19
CA SER A 263 -0.10 -11.73 -12.42
C SER A 263 -0.60 -12.33 -11.12
N PRO A 264 -1.75 -13.01 -11.17
CA PRO A 264 -2.32 -13.67 -10.00
C PRO A 264 -1.40 -14.76 -9.43
N GLU A 265 -0.47 -15.26 -10.24
CA GLU A 265 0.40 -16.33 -9.78
C GLU A 265 1.16 -15.97 -8.51
N GLN A 266 1.62 -14.73 -8.39
CA GLN A 266 2.43 -14.39 -7.22
C GLN A 266 1.60 -14.35 -5.94
N ASP A 267 0.33 -13.93 -6.05
CA ASP A 267 -0.55 -13.94 -4.88
C ASP A 267 -0.86 -15.36 -4.42
N ALA A 268 -1.11 -16.26 -5.37
CA ALA A 268 -1.35 -17.67 -5.05
C ALA A 268 -0.15 -18.23 -4.29
N MET A 269 1.05 -17.88 -4.73
CA MET A 269 2.27 -18.38 -4.11
C MET A 269 2.46 -17.78 -2.71
N THR A 270 2.19 -16.49 -2.58
CA THR A 270 2.32 -15.83 -1.28
C THR A 270 1.35 -16.41 -0.27
N LEU A 271 0.10 -16.66 -0.68
CA LEU A 271 -0.86 -17.30 0.22
C LEU A 271 -0.47 -18.75 0.58
N ALA A 272 0.06 -19.50 -0.38
CA ALA A 272 0.50 -20.86 -0.10
C ALA A 272 1.67 -20.85 0.90
N PHE A 273 2.57 -19.90 0.73
CA PHE A 273 3.68 -19.68 1.66
C PHE A 273 3.14 -19.37 3.07
N ALA A 274 2.26 -18.37 3.17
CA ALA A 274 1.61 -18.05 4.46
C ALA A 274 0.94 -19.27 5.12
N ALA A 275 0.15 -20.02 4.36
CA ALA A 275 -0.47 -21.23 4.89
C ALA A 275 0.57 -22.24 5.38
N ALA A 276 1.61 -22.46 4.59
CA ALA A 276 2.67 -23.37 4.98
C ALA A 276 3.40 -22.90 6.25
N ALA A 277 3.65 -21.60 6.36
CA ALA A 277 4.27 -21.05 7.56
C ALA A 277 3.37 -21.22 8.78
N ILE A 278 2.09 -20.93 8.61
CA ILE A 278 1.12 -21.06 9.69
C ILE A 278 1.14 -22.48 10.25
N GLU A 279 1.17 -23.46 9.36
CA GLU A 279 1.12 -24.87 9.75
C GLU A 279 2.46 -25.31 10.35
N ASN A 280 3.55 -24.93 9.70
CA ASN A 280 4.89 -25.33 10.13
C ASN A 280 5.23 -24.78 11.51
N MET A 281 4.77 -23.56 11.80
CA MET A 281 5.13 -22.94 13.08
C MET A 281 4.05 -23.12 14.12
N GLN A 282 2.97 -23.79 13.73
CA GLN A 282 1.83 -23.99 14.61
C GLN A 282 1.29 -22.67 15.13
N LEU A 283 1.23 -21.66 14.26
CA LEU A 283 0.69 -20.36 14.64
C LEU A 283 -0.77 -20.53 15.04
N GLY A 284 -1.13 -19.94 16.17
CA GLY A 284 -2.49 -20.05 16.68
C GLY A 284 -2.77 -21.35 17.42
N LYS A 285 -1.74 -22.18 17.57
CA LYS A 285 -1.92 -23.48 18.21
C LYS A 285 -1.27 -23.54 19.58
N GLN A 286 -0.80 -22.41 20.07
CA GLN A 286 -0.17 -22.35 21.39
C GLN A 286 -1.01 -21.52 22.37
N ALA A 287 -0.44 -21.25 23.54
CA ALA A 287 -1.18 -20.56 24.60
C ALA A 287 -1.44 -19.10 24.25
N GLN A 288 -0.48 -18.46 23.62
CA GLN A 288 -0.59 -17.03 23.34
C GLN A 288 -1.15 -16.80 21.93
N THR A 289 -1.54 -15.55 21.67
CA THR A 289 -1.97 -15.17 20.33
C THR A 289 -0.76 -14.91 19.46
N ASP A 290 -0.75 -15.51 18.27
CA ASP A 290 0.31 -15.21 17.29
C ASP A 290 -0.26 -14.25 16.23
N ILE A 291 0.61 -13.70 15.40
CA ILE A 291 0.14 -12.84 14.32
C ILE A 291 0.93 -13.06 13.04
N ILE A 292 0.21 -13.11 11.91
CA ILE A 292 0.86 -13.17 10.61
C ILE A 292 0.29 -12.10 9.68
N SER A 293 1.17 -11.29 9.09
CA SER A 293 0.74 -10.28 8.13
C SER A 293 1.14 -10.75 6.75
N ILE A 294 0.27 -10.49 5.78
CA ILE A 294 0.42 -11.04 4.43
C ILE A 294 0.18 -9.94 3.42
N GLY A 295 1.17 -9.66 2.57
CA GLY A 295 1.07 -8.56 1.63
C GLY A 295 0.92 -9.15 0.23
N LEU A 296 -0.28 -9.04 -0.32
CA LEU A 296 -0.55 -9.60 -1.65
C LEU A 296 -0.38 -8.49 -2.66
N SER A 297 0.71 -8.55 -3.43
CA SER A 297 1.17 -7.44 -4.25
C SER A 297 0.58 -7.39 -5.66
N ALA A 298 0.06 -8.50 -6.15
CA ALA A 298 -0.29 -8.59 -7.57
C ALA A 298 -1.26 -7.51 -8.06
N THR A 299 -2.28 -7.22 -7.26
CA THR A 299 -3.30 -6.25 -7.69
C THR A 299 -2.66 -4.92 -8.09
N ASP A 300 -1.56 -4.58 -7.42
CA ASP A 300 -0.90 -3.31 -7.66
C ASP A 300 -0.05 -3.33 -8.94
N TYR A 301 0.73 -4.38 -9.15
CA TYR A 301 1.46 -4.51 -10.41
C TYR A 301 0.50 -4.51 -11.62
N VAL A 302 -0.61 -5.23 -11.47
CA VAL A 302 -1.59 -5.34 -12.55
C VAL A 302 -2.22 -3.97 -12.84
N GLY A 303 -2.62 -3.28 -11.78
CA GLY A 303 -3.19 -1.95 -11.89
C GLY A 303 -2.27 -0.93 -12.54
N HIS A 304 -0.99 -0.93 -12.18
CA HIS A 304 -0.03 -0.04 -12.82
C HIS A 304 0.16 -0.40 -14.28
N THR A 305 0.31 -1.69 -14.55
CA THR A 305 0.68 -2.14 -15.89
C THR A 305 -0.47 -2.04 -16.86
N PHE A 306 -1.69 -2.29 -16.39
CA PHE A 306 -2.83 -2.37 -17.31
C PHE A 306 -3.98 -1.39 -17.02
N GLY A 307 -3.89 -0.67 -15.90
CA GLY A 307 -5.05 0.07 -15.44
C GLY A 307 -5.98 -0.90 -14.72
N THR A 308 -7.15 -0.43 -14.33
CA THR A 308 -7.92 -1.12 -13.30
C THR A 308 -9.28 -1.64 -13.78
N GLU A 309 -9.67 -1.32 -15.01
CA GLU A 309 -11.03 -1.68 -15.44
C GLU A 309 -11.06 -2.68 -16.61
N GLY A 310 -9.90 -3.23 -16.97
CA GLY A 310 -9.83 -4.19 -18.05
C GLY A 310 -9.93 -5.64 -17.58
N THR A 311 -9.72 -6.57 -18.48
CA THR A 311 -9.75 -7.98 -18.12
C THR A 311 -8.68 -8.38 -17.11
N GLU A 312 -7.54 -7.68 -17.13
CA GLU A 312 -6.43 -8.05 -16.27
C GLU A 312 -6.80 -7.90 -14.79
N SER A 313 -7.26 -6.71 -14.39
CA SER A 313 -7.66 -6.51 -13.00
C SER A 313 -8.85 -7.38 -12.64
N CYS A 314 -9.77 -7.54 -13.59
CA CYS A 314 -10.95 -8.35 -13.35
C CYS A 314 -10.59 -9.81 -13.05
N ILE A 315 -9.77 -10.41 -13.90
CA ILE A 315 -9.26 -11.75 -13.64
C ILE A 315 -8.51 -11.82 -12.30
N GLN A 316 -7.67 -10.83 -12.05
CA GLN A 316 -6.87 -10.82 -10.83
C GLN A 316 -7.76 -10.81 -9.56
N VAL A 317 -8.78 -9.97 -9.55
CA VAL A 317 -9.68 -9.92 -8.38
C VAL A 317 -10.45 -11.21 -8.20
N ASP A 318 -10.88 -11.82 -9.30
CA ASP A 318 -11.61 -13.09 -9.20
C ASP A 318 -10.68 -14.20 -8.65
N ARG A 319 -9.43 -14.22 -9.10
CA ARG A 319 -8.47 -15.19 -8.58
C ARG A 319 -8.18 -14.93 -7.11
N LEU A 320 -8.07 -13.66 -6.75
CA LEU A 320 -7.89 -13.26 -5.37
C LEU A 320 -8.98 -13.86 -4.49
N ASP A 321 -10.24 -13.63 -4.88
CA ASP A 321 -11.40 -14.22 -4.20
C ASP A 321 -11.27 -15.76 -4.07
N THR A 322 -10.95 -16.44 -5.17
CA THR A 322 -10.79 -17.90 -5.13
C THR A 322 -9.62 -18.35 -4.23
N GLU A 323 -8.46 -17.73 -4.39
CA GLU A 323 -7.31 -18.16 -3.59
C GLU A 323 -7.51 -17.86 -2.10
N LEU A 324 -8.12 -16.72 -1.77
CA LEU A 324 -8.40 -16.41 -0.36
C LEU A 324 -9.36 -17.44 0.24
N GLY A 325 -10.34 -17.88 -0.56
CA GLY A 325 -11.27 -18.90 -0.13
C GLY A 325 -10.56 -20.19 0.25
N ALA A 326 -9.65 -20.64 -0.61
CA ALA A 326 -8.90 -21.86 -0.36
C ALA A 326 -7.99 -21.69 0.87
N PHE A 327 -7.42 -20.50 1.02
CA PHE A 327 -6.57 -20.19 2.16
C PHE A 327 -7.35 -20.28 3.47
N PHE A 328 -8.51 -19.62 3.54
CA PHE A 328 -9.35 -19.65 4.73
C PHE A 328 -9.86 -21.08 5.03
N ASP A 329 -10.18 -21.83 3.98
CA ASP A 329 -10.66 -23.20 4.15
C ASP A 329 -9.60 -24.09 4.81
N LYS A 330 -8.34 -23.87 4.45
CA LYS A 330 -7.24 -24.64 5.01
C LYS A 330 -7.06 -24.33 6.50
N LEU A 331 -7.13 -23.05 6.86
CA LEU A 331 -7.08 -22.64 8.27
C LEU A 331 -8.25 -23.24 9.07
N ASP A 332 -9.43 -23.24 8.47
CA ASP A 332 -10.62 -23.80 9.10
C ASP A 332 -10.45 -25.29 9.35
N LYS A 333 -9.97 -26.00 8.34
CA LYS A 333 -9.78 -27.44 8.42
C LYS A 333 -8.75 -27.79 9.48
N ASP A 334 -7.82 -26.87 9.73
CA ASP A 334 -6.80 -27.07 10.74
C ASP A 334 -7.30 -26.73 12.15
N GLY A 335 -8.52 -26.21 12.24
CA GLY A 335 -9.13 -25.90 13.52
C GLY A 335 -8.61 -24.65 14.20
N ILE A 336 -8.03 -23.74 13.42
CA ILE A 336 -7.42 -22.53 13.99
C ILE A 336 -8.45 -21.46 14.34
N ASP A 337 -8.40 -20.97 15.57
CA ASP A 337 -9.26 -19.85 15.98
C ASP A 337 -8.63 -18.53 15.56
N TYR A 338 -8.94 -18.07 14.35
CA TYR A 338 -8.30 -16.86 13.86
C TYR A 338 -9.28 -15.73 13.60
N VAL A 339 -8.79 -14.50 13.71
CA VAL A 339 -9.52 -13.34 13.23
C VAL A 339 -8.74 -12.80 12.03
N VAL A 340 -9.45 -12.34 11.01
CA VAL A 340 -8.84 -11.79 9.80
C VAL A 340 -9.17 -10.32 9.72
N VAL A 341 -8.21 -9.51 9.33
CA VAL A 341 -8.53 -8.17 8.87
C VAL A 341 -7.97 -8.07 7.47
N LEU A 342 -8.74 -7.53 6.53
CA LEU A 342 -8.23 -7.38 5.17
C LEU A 342 -8.42 -5.94 4.74
N THR A 343 -7.38 -5.35 4.17
CA THR A 343 -7.47 -3.96 3.72
C THR A 343 -6.51 -3.73 2.56
N ALA A 344 -6.27 -2.47 2.23
CA ALA A 344 -5.33 -2.12 1.18
C ALA A 344 -4.44 -1.01 1.69
N ASP A 345 -3.29 -0.84 1.04
CA ASP A 345 -2.33 0.21 1.38
C ASP A 345 -2.71 1.54 0.75
N HIS A 346 -3.60 1.50 -0.25
CA HIS A 346 -4.12 2.71 -0.89
C HIS A 346 -5.08 2.25 -1.98
N GLY A 347 -5.79 3.21 -2.57
CA GLY A 347 -6.70 2.94 -3.67
C GLY A 347 -5.97 3.03 -5.00
N GLY A 348 -6.69 3.35 -6.05
CA GLY A 348 -6.08 3.43 -7.36
C GLY A 348 -7.05 4.05 -8.34
N HIS A 349 -6.60 4.18 -9.59
CA HIS A 349 -7.29 4.99 -10.55
C HIS A 349 -6.97 4.43 -11.93
N ASP A 350 -7.98 4.35 -12.80
CA ASP A 350 -7.79 3.77 -14.12
C ASP A 350 -7.02 4.72 -15.04
N LEU A 351 -6.44 4.18 -16.11
CA LEU A 351 -5.72 5.03 -17.07
C LEU A 351 -6.68 5.96 -17.81
N PRO A 352 -6.26 7.21 -18.03
CA PRO A 352 -7.12 8.25 -18.61
C PRO A 352 -7.69 7.82 -19.95
N GLU A 353 -6.91 7.09 -20.76
CA GLU A 353 -7.37 6.69 -22.09
C GLU A 353 -8.65 5.87 -22.07
N ARG A 354 -8.81 5.00 -21.08
CA ARG A 354 -10.07 4.26 -20.94
C ARG A 354 -11.15 5.11 -20.28
N HIS A 355 -10.77 5.91 -19.30
CA HIS A 355 -11.75 6.82 -18.71
C HIS A 355 -12.42 7.64 -19.80
N ARG A 356 -11.62 8.12 -20.76
CA ARG A 356 -12.18 8.98 -21.81
C ARG A 356 -13.16 8.22 -22.70
N MET A 357 -13.03 6.90 -22.76
CA MET A 357 -13.99 6.09 -23.51
C MET A 357 -15.24 5.78 -22.69
N ASN A 358 -15.15 5.92 -21.38
CA ASN A 358 -16.24 5.51 -20.50
C ASN A 358 -16.80 6.68 -19.72
N ALA A 359 -17.06 7.77 -20.44
CA ALA A 359 -17.84 8.90 -19.92
C ALA A 359 -17.06 9.87 -19.04
N MET A 360 -15.74 9.80 -19.06
CA MET A 360 -14.89 10.75 -18.34
C MET A 360 -13.89 11.42 -19.29
N PRO A 361 -14.40 12.29 -20.20
CA PRO A 361 -13.60 12.90 -21.28
C PRO A 361 -12.55 13.88 -20.75
N MET A 362 -12.72 14.34 -19.52
CA MET A 362 -11.80 15.33 -18.94
C MET A 362 -10.58 14.66 -18.32
N GLU A 363 -10.56 13.34 -18.26
CA GLU A 363 -9.39 12.64 -17.73
C GLU A 363 -8.17 12.86 -18.63
N GLN A 364 -7.04 13.20 -17.99
CA GLN A 364 -5.87 13.58 -18.75
C GLN A 364 -4.56 13.21 -18.04
N ARG A 365 -3.47 13.21 -18.81
CA ARG A 365 -2.15 12.92 -18.25
C ARG A 365 -1.41 14.20 -17.92
N VAL A 366 -0.56 14.14 -16.90
CA VAL A 366 0.13 15.32 -16.39
C VAL A 366 1.12 15.85 -17.42
N ASP A 367 1.19 17.18 -17.52
CA ASP A 367 2.13 17.88 -18.38
C ASP A 367 3.55 17.40 -18.09
N MET A 368 4.30 17.07 -19.14
CA MET A 368 5.69 16.64 -18.98
C MET A 368 6.51 17.73 -18.31
N ALA A 369 6.06 18.98 -18.46
CA ALA A 369 6.77 20.13 -17.91
C ALA A 369 6.91 20.06 -16.38
N LEU A 370 6.09 19.22 -15.75
CA LEU A 370 6.07 19.11 -14.28
C LEU A 370 6.92 17.96 -13.73
N THR A 371 7.48 17.12 -14.59
CA THR A 371 8.40 16.08 -14.16
C THR A 371 9.73 16.69 -13.66
N PRO A 372 10.46 15.97 -12.80
CA PRO A 372 11.65 16.49 -12.09
C PRO A 372 12.60 17.33 -12.92
N LYS A 373 13.22 16.76 -13.94
CA LYS A 373 14.21 17.48 -14.76
C LYS A 373 13.65 18.80 -15.25
N ALA A 374 12.51 18.74 -15.92
CA ALA A 374 11.90 19.91 -16.56
C ALA A 374 11.56 20.98 -15.55
N LEU A 375 10.89 20.60 -14.48
CA LEU A 375 10.45 21.56 -13.47
C LEU A 375 11.62 22.29 -12.84
N ASN A 376 12.67 21.55 -12.49
CA ASN A 376 13.87 22.19 -11.97
C ASN A 376 14.45 23.20 -12.95
N ALA A 377 14.59 22.79 -14.21
CA ALA A 377 15.14 23.70 -15.23
C ALA A 377 14.29 24.96 -15.31
N THR A 378 12.97 24.79 -15.36
CA THR A 378 12.07 25.93 -15.46
C THR A 378 12.21 26.87 -14.27
N ILE A 379 12.20 26.31 -13.07
CA ILE A 379 12.29 27.11 -11.85
C ILE A 379 13.64 27.82 -11.73
N ALA A 380 14.70 27.11 -12.09
CA ALA A 380 16.03 27.71 -12.13
C ALA A 380 16.00 28.98 -12.98
N GLU A 381 15.60 28.84 -14.23
CA GLU A 381 15.56 29.96 -15.16
C GLU A 381 14.68 31.11 -14.67
N LYS A 382 13.63 30.79 -13.92
CA LYS A 382 12.76 31.83 -13.37
C LYS A 382 13.39 32.51 -12.15
N ALA A 383 14.26 31.80 -11.45
CA ALA A 383 14.90 32.34 -10.26
C ALA A 383 16.17 33.08 -10.64
N GLY A 384 16.55 33.00 -11.91
CA GLY A 384 17.77 33.64 -12.39
C GLY A 384 19.00 32.80 -12.08
N LEU A 385 18.81 31.49 -11.98
CA LEU A 385 19.91 30.56 -11.79
C LEU A 385 19.88 29.50 -12.88
N PRO A 386 19.83 29.92 -14.15
CA PRO A 386 19.61 28.99 -15.26
C PRO A 386 20.71 27.95 -15.35
N GLY A 387 20.32 26.71 -15.66
CA GLY A 387 21.27 25.62 -15.80
C GLY A 387 21.74 25.03 -14.48
N LYS A 388 21.31 25.65 -13.39
CA LYS A 388 21.67 25.16 -12.06
C LYS A 388 20.66 24.14 -11.55
N LYS A 389 20.96 23.60 -10.38
CA LYS A 389 20.11 22.65 -9.70
C LYS A 389 19.54 23.35 -8.47
N VAL A 390 18.28 23.76 -8.54
CA VAL A 390 17.67 24.52 -7.45
C VAL A 390 16.63 23.71 -6.66
N ILE A 391 16.06 22.69 -7.29
CA ILE A 391 15.13 21.82 -6.59
C ILE A 391 15.35 20.34 -6.89
N TRP A 392 14.89 19.52 -5.96
CA TRP A 392 14.92 18.07 -6.10
C TRP A 392 13.49 17.58 -5.96
N SER A 393 13.05 16.74 -6.89
CA SER A 393 11.76 16.08 -6.77
C SER A 393 11.80 14.70 -7.39
N ASP A 394 10.82 13.89 -7.02
CA ASP A 394 10.75 12.46 -7.29
C ASP A 394 9.75 12.17 -8.41
N GLY A 395 8.80 13.08 -8.61
CA GLY A 395 7.81 12.92 -9.65
C GLY A 395 7.09 14.22 -9.89
N PRO A 396 6.04 14.22 -10.73
CA PRO A 396 5.31 15.43 -11.12
C PRO A 396 4.35 15.90 -10.02
N SER A 397 4.51 15.38 -8.82
CA SER A 397 3.70 15.81 -7.69
C SER A 397 4.39 15.34 -6.41
N GLY A 398 3.90 15.81 -5.27
CA GLY A 398 4.43 15.38 -3.98
C GLY A 398 5.50 16.32 -3.43
N ASP A 399 6.47 15.75 -2.72
CA ASP A 399 7.48 16.55 -2.03
C ASP A 399 8.51 17.18 -2.97
N ILE A 400 8.75 18.47 -2.80
CA ILE A 400 9.84 19.14 -3.52
C ILE A 400 10.83 19.72 -2.49
N TYR A 401 12.12 19.55 -2.75
CA TYR A 401 13.15 19.99 -1.80
C TYR A 401 14.06 21.03 -2.42
N TYR A 402 14.35 22.09 -1.66
CA TYR A 402 15.29 23.11 -2.12
C TYR A 402 16.70 22.60 -1.93
N ASP A 403 17.55 22.82 -2.92
CA ASP A 403 18.96 22.45 -2.81
C ASP A 403 19.60 23.17 -1.63
N LYS A 404 20.41 22.45 -0.85
CA LYS A 404 21.05 23.01 0.32
C LYS A 404 22.07 24.10 -0.03
N GLY A 405 22.62 24.02 -1.23
CA GLY A 405 23.65 24.96 -1.65
C GLY A 405 23.14 26.37 -1.73
N LEU A 406 21.85 26.51 -2.03
CA LEU A 406 21.22 27.81 -2.20
C LEU A 406 21.48 28.74 -1.00
N THR A 407 21.70 30.01 -1.28
CA THR A 407 21.82 31.01 -0.22
C THR A 407 20.43 31.47 0.18
N ALA A 408 20.33 32.14 1.33
CA ALA A 408 19.04 32.58 1.84
C ALA A 408 18.22 33.30 0.76
N ALA A 409 18.81 34.33 0.17
CA ALA A 409 18.15 35.11 -0.87
C ALA A 409 17.78 34.24 -2.07
N GLN A 410 18.67 33.34 -2.46
CA GLN A 410 18.41 32.44 -3.57
C GLN A 410 17.20 31.55 -3.23
N ARG A 411 17.24 30.96 -2.04
CA ARG A 411 16.13 30.12 -1.59
C ARG A 411 14.82 30.88 -1.65
N ALA A 412 14.84 32.14 -1.21
CA ALA A 412 13.62 32.95 -1.18
C ALA A 412 13.06 33.17 -2.59
N ARG A 413 13.94 33.43 -3.55
CA ARG A 413 13.51 33.61 -4.92
C ARG A 413 12.96 32.29 -5.48
N VAL A 414 13.53 31.17 -5.05
CA VAL A 414 13.06 29.86 -5.50
C VAL A 414 11.66 29.57 -4.98
N GLU A 415 11.44 29.81 -3.69
CA GLU A 415 10.13 29.58 -3.10
C GLU A 415 9.08 30.47 -3.80
N THR A 416 9.44 31.73 -4.02
CA THR A 416 8.52 32.65 -4.68
C THR A 416 8.19 32.21 -6.12
N GLU A 417 9.22 31.91 -6.89
CA GLU A 417 9.04 31.56 -8.30
C GLU A 417 8.38 30.18 -8.50
N ALA A 418 8.75 29.21 -7.66
CA ALA A 418 8.14 27.89 -7.74
C ALA A 418 6.63 27.99 -7.50
N LEU A 419 6.25 28.71 -6.46
CA LEU A 419 4.85 28.88 -6.11
C LEU A 419 4.11 29.59 -7.24
N LYS A 420 4.72 30.64 -7.76
CA LYS A 420 4.10 31.44 -8.80
C LYS A 420 3.84 30.60 -10.05
N TYR A 421 4.86 29.87 -10.49
CA TYR A 421 4.74 29.00 -11.66
C TYR A 421 3.77 27.83 -11.45
N LEU A 422 3.89 27.15 -10.33
CA LEU A 422 3.03 25.99 -10.07
C LEU A 422 1.56 26.38 -9.92
N ARG A 423 1.30 27.43 -9.15
CA ARG A 423 -0.08 27.84 -8.92
C ARG A 423 -0.75 28.34 -10.18
N ALA A 424 0.06 28.75 -11.16
CA ALA A 424 -0.48 29.23 -12.43
C ALA A 424 -0.73 28.07 -13.41
N HIS A 425 -0.13 26.92 -13.15
CA HIS A 425 -0.26 25.78 -14.05
C HIS A 425 -1.69 25.21 -13.99
N PRO A 426 -2.27 24.93 -15.17
CA PRO A 426 -3.68 24.55 -15.27
C PRO A 426 -4.00 23.21 -14.60
N GLN A 427 -2.99 22.35 -14.45
CA GLN A 427 -3.22 21.01 -13.91
C GLN A 427 -2.91 20.93 -12.42
N VAL A 428 -2.42 22.03 -11.86
CA VAL A 428 -2.06 22.08 -10.45
C VAL A 428 -3.26 22.51 -9.61
N GLN A 429 -3.55 21.73 -8.58
CA GLN A 429 -4.62 22.08 -7.64
C GLN A 429 -4.11 23.11 -6.66
N THR A 430 -2.97 22.80 -6.03
CA THR A 430 -2.43 23.69 -5.01
C THR A 430 -1.02 23.30 -4.63
N VAL A 431 -0.30 24.24 -4.01
CA VAL A 431 0.99 23.94 -3.44
C VAL A 431 1.03 24.45 -2.01
N PHE A 432 1.43 23.59 -1.10
CA PHE A 432 1.62 23.98 0.30
C PHE A 432 3.10 24.19 0.59
N THR A 433 3.41 25.17 1.43
CA THR A 433 4.75 25.29 1.95
C THR A 433 4.89 24.41 3.19
N LYS A 434 6.13 24.09 3.55
CA LYS A 434 6.38 23.27 4.71
C LYS A 434 5.80 23.92 5.97
N ALA A 435 5.94 25.23 6.08
CA ALA A 435 5.46 25.95 7.25
C ALA A 435 3.94 25.90 7.35
N GLU A 436 3.27 25.97 6.21
CA GLU A 436 1.82 25.88 6.20
C GLU A 436 1.34 24.53 6.73
N ILE A 437 2.02 23.46 6.33
CA ILE A 437 1.62 22.11 6.76
C ILE A 437 1.93 21.92 8.24
N ALA A 438 3.14 22.30 8.65
CA ALA A 438 3.54 22.23 10.05
C ALA A 438 2.58 22.99 10.95
N ALA A 439 2.04 24.09 10.45
CA ALA A 439 1.14 24.92 11.25
C ALA A 439 -0.24 24.27 11.39
N THR A 440 -0.49 23.22 10.62
CA THR A 440 -1.76 22.54 10.69
C THR A 440 -1.76 21.50 11.81
N PRO A 441 -2.81 21.52 12.65
CA PRO A 441 -2.89 20.51 13.71
C PRO A 441 -3.16 19.13 13.11
N SER A 442 -2.64 18.08 13.74
CA SER A 442 -2.94 16.71 13.34
C SER A 442 -4.46 16.56 13.25
N PRO A 443 -4.95 16.14 12.08
CA PRO A 443 -6.40 16.10 11.83
C PRO A 443 -7.17 15.13 12.74
N SER A 444 -8.43 15.45 12.99
CA SER A 444 -9.38 14.52 13.58
C SER A 444 -10.72 14.64 12.86
N GLY A 445 -11.74 13.93 13.32
CA GLY A 445 -13.02 13.97 12.63
C GLY A 445 -13.01 13.12 11.36
N PRO A 446 -14.18 13.00 10.69
CA PRO A 446 -14.42 12.09 9.56
C PRO A 446 -13.44 12.28 8.41
N PRO A 447 -12.69 11.22 8.06
CA PRO A 447 -11.62 11.36 7.07
C PRO A 447 -12.17 11.67 5.67
N GLU A 448 -13.42 11.29 5.39
CA GLU A 448 -14.00 11.54 4.07
C GLU A 448 -14.20 13.04 3.78
N SER A 449 -14.14 13.86 4.82
CA SER A 449 -14.33 15.31 4.64
C SER A 449 -13.14 16.17 5.10
N TRP A 450 -11.96 15.58 5.13
CA TRP A 450 -10.77 16.35 5.43
C TRP A 450 -10.47 17.31 4.30
N SER A 451 -9.84 18.43 4.63
CA SER A 451 -9.31 19.32 3.61
C SER A 451 -8.01 18.74 3.07
N LEU A 452 -7.50 19.28 1.96
CA LEU A 452 -6.24 18.81 1.40
C LEU A 452 -5.07 19.05 2.35
N ILE A 453 -5.06 20.19 3.04
CA ILE A 453 -3.93 20.45 3.94
C ILE A 453 -3.96 19.50 5.15
N GLN A 454 -5.16 19.10 5.57
CA GLN A 454 -5.29 18.09 6.62
C GLN A 454 -4.70 16.76 6.16
N GLU A 455 -5.00 16.37 4.93
CA GLU A 455 -4.42 15.16 4.37
C GLU A 455 -2.90 15.28 4.31
N ALA A 456 -2.43 16.45 3.88
CA ALA A 456 -0.99 16.71 3.83
C ALA A 456 -0.35 16.60 5.21
N ARG A 457 -1.01 17.16 6.21
CA ARG A 457 -0.50 17.11 7.58
C ARG A 457 -0.37 15.67 8.05
N ALA A 458 -1.28 14.81 7.60
CA ALA A 458 -1.30 13.41 8.03
C ALA A 458 -0.13 12.59 7.48
N SER A 459 0.52 13.08 6.43
CA SER A 459 1.75 12.44 5.98
C SER A 459 2.91 13.45 5.98
N PHE A 460 2.94 14.28 7.01
CA PHE A 460 4.00 15.27 7.17
C PHE A 460 4.93 14.91 8.32
N TYR A 461 6.23 14.81 8.02
CA TYR A 461 7.23 14.49 9.02
C TYR A 461 8.40 15.43 8.78
N PRO A 462 8.56 16.46 9.64
CA PRO A 462 9.45 17.61 9.38
C PRO A 462 10.83 17.25 8.83
N SER A 463 11.49 16.26 9.41
CA SER A 463 12.86 15.94 8.99
C SER A 463 12.94 15.21 7.66
N ARG A 464 11.82 14.74 7.14
CA ARG A 464 11.83 13.97 5.89
C ARG A 464 10.98 14.59 4.78
N SER A 465 10.02 15.42 5.15
CA SER A 465 9.08 15.98 4.18
C SER A 465 9.73 17.11 3.37
N GLY A 466 9.12 17.44 2.23
CA GLY A 466 9.66 18.47 1.36
C GLY A 466 9.49 19.89 1.89
N ASP A 467 10.13 20.83 1.19
CA ASP A 467 9.93 22.25 1.47
C ASP A 467 8.62 22.72 0.85
N LEU A 468 8.19 22.06 -0.23
CA LEU A 468 6.88 22.30 -0.82
C LEU A 468 6.17 20.97 -1.07
N LEU A 469 4.84 21.03 -1.12
CA LEU A 469 4.05 19.87 -1.50
C LEU A 469 3.15 20.19 -2.67
N LEU A 470 3.37 19.52 -3.79
CA LEU A 470 2.63 19.80 -5.00
C LEU A 470 1.48 18.82 -5.20
N LEU A 471 0.25 19.33 -5.34
CA LEU A 471 -0.92 18.49 -5.55
C LEU A 471 -1.62 18.80 -6.86
N LEU A 472 -1.83 17.78 -7.67
CA LEU A 472 -2.48 17.96 -8.97
C LEU A 472 -4.00 17.98 -8.81
N LYS A 473 -4.68 18.58 -9.78
CA LYS A 473 -6.14 18.59 -9.81
C LYS A 473 -6.68 17.17 -9.92
N PRO A 474 -7.94 16.97 -9.51
CA PRO A 474 -8.56 15.66 -9.67
C PRO A 474 -8.57 15.25 -11.13
N ARG A 475 -8.37 13.97 -11.40
CA ARG A 475 -8.48 13.41 -12.75
C ARG A 475 -7.31 13.76 -13.67
N VAL A 476 -6.20 14.18 -13.06
CA VAL A 476 -4.94 14.31 -13.77
C VAL A 476 -4.08 13.13 -13.31
N MET A 477 -3.73 12.25 -14.24
CA MET A 477 -2.90 11.10 -13.92
C MET A 477 -1.42 11.52 -13.90
N SER A 478 -0.69 11.19 -12.84
CA SER A 478 0.69 11.66 -12.68
C SER A 478 1.72 10.84 -13.47
N ILE A 479 1.29 10.26 -14.58
CA ILE A 479 2.20 9.65 -15.55
C ILE A 479 2.00 10.37 -16.86
N PRO A 480 3.04 11.11 -17.32
CA PRO A 480 2.93 11.90 -18.54
C PRO A 480 2.74 11.03 -19.78
N GLU A 481 2.20 11.63 -20.83
CA GLU A 481 2.08 10.93 -22.09
C GLU A 481 3.46 10.84 -22.73
N GLN A 482 3.85 9.63 -23.11
CA GLN A 482 5.14 9.41 -23.76
C GLN A 482 4.94 8.43 -24.90
N ALA A 483 5.85 8.46 -25.87
CA ALA A 483 5.84 7.47 -26.94
C ALA A 483 5.95 6.09 -26.31
N VAL A 484 7.13 5.80 -25.77
CA VAL A 484 7.37 4.55 -25.06
C VAL A 484 6.93 4.68 -23.62
N MET A 485 5.90 3.95 -23.23
CA MET A 485 5.42 4.00 -21.85
C MET A 485 5.59 2.67 -21.14
N GLY A 486 5.72 2.73 -19.82
CA GLY A 486 5.73 1.55 -18.98
C GLY A 486 4.39 1.44 -18.27
N SER A 487 4.35 1.82 -17.00
CA SER A 487 3.10 1.89 -16.26
C SER A 487 2.16 2.91 -16.90
N VAL A 488 0.87 2.57 -16.97
CA VAL A 488 -0.11 3.46 -17.59
C VAL A 488 -1.00 4.10 -16.55
N ALA A 489 -0.95 3.59 -15.33
CA ALA A 489 -1.83 4.08 -14.30
C ALA A 489 -1.10 4.03 -12.97
N THR A 490 -1.49 4.93 -12.07
CA THR A 490 -0.92 4.95 -10.74
C THR A 490 -1.82 5.63 -9.71
N HIS A 491 -1.44 5.49 -8.46
CA HIS A 491 -2.15 6.09 -7.33
C HIS A 491 -1.31 7.27 -6.86
N GLY A 492 -1.21 7.51 -5.56
CA GLY A 492 -0.32 8.57 -5.09
C GLY A 492 -0.92 9.96 -5.05
N SER A 493 -2.18 10.10 -5.47
CA SER A 493 -2.82 11.42 -5.42
C SER A 493 -3.56 11.61 -4.11
N PRO A 494 -3.93 12.85 -3.78
CA PRO A 494 -4.66 13.11 -2.54
C PRO A 494 -6.17 12.92 -2.69
N TRP A 495 -6.62 12.45 -3.85
CA TRP A 495 -8.07 12.35 -4.11
C TRP A 495 -8.70 11.03 -3.65
N ASP A 496 -10.03 11.02 -3.60
CA ASP A 496 -10.77 9.93 -2.98
C ASP A 496 -10.49 8.54 -3.58
N THR A 497 -10.33 8.45 -4.91
CA THR A 497 -10.02 7.14 -5.52
C THR A 497 -8.79 6.50 -4.89
N ASP A 498 -7.82 7.33 -4.51
CA ASP A 498 -6.54 6.83 -4.04
C ASP A 498 -6.50 6.63 -2.53
N ARG A 499 -7.38 7.32 -1.80
CA ARG A 499 -7.43 7.18 -0.33
C ARG A 499 -8.38 6.09 0.15
N ARG A 500 -9.46 5.86 -0.61
N ARG A 500 -9.44 5.83 -0.63
CA ARG A 500 -10.55 5.03 -0.10
CA ARG A 500 -10.57 5.03 -0.13
C ARG A 500 -10.23 3.55 -0.30
C ARG A 500 -10.37 3.52 -0.33
N VAL A 501 -10.34 2.78 0.77
CA VAL A 501 -10.00 1.35 0.73
C VAL A 501 -10.99 0.62 1.61
N PRO A 502 -11.24 -0.67 1.30
CA PRO A 502 -12.10 -1.46 2.19
C PRO A 502 -11.35 -1.83 3.47
N ILE A 503 -12.09 -1.99 4.55
CA ILE A 503 -11.55 -2.63 5.75
C ILE A 503 -12.56 -3.68 6.21
N LEU A 504 -12.12 -4.94 6.22
CA LEU A 504 -13.01 -6.05 6.51
C LEU A 504 -12.45 -6.87 7.68
N PHE A 505 -13.27 -7.14 8.70
CA PHE A 505 -12.83 -7.96 9.83
C PHE A 505 -13.72 -9.21 9.84
N TRP A 506 -13.14 -10.37 10.15
CA TRP A 506 -13.93 -11.60 10.22
C TRP A 506 -13.39 -12.60 11.23
N ARG A 507 -14.31 -13.27 11.91
CA ARG A 507 -14.02 -14.42 12.76
C ARG A 507 -15.25 -15.32 12.71
N LYS A 508 -15.02 -16.63 12.73
CA LYS A 508 -16.12 -17.57 12.61
C LYS A 508 -17.25 -17.27 13.57
N GLY A 509 -18.47 -17.26 13.06
CA GLY A 509 -19.65 -17.15 13.89
C GLY A 509 -20.06 -15.74 14.33
N MET A 510 -19.26 -14.74 13.99
CA MET A 510 -19.54 -13.37 14.42
C MET A 510 -20.80 -12.82 13.76
N GLN A 511 -21.29 -11.69 14.26
CA GLN A 511 -22.44 -11.07 13.65
C GLN A 511 -22.02 -10.05 12.60
N HIS A 512 -22.48 -10.25 11.37
CA HIS A 512 -22.20 -9.32 10.28
C HIS A 512 -22.82 -7.94 10.54
N PHE A 513 -22.11 -6.88 10.17
CA PHE A 513 -22.73 -5.56 10.05
C PHE A 513 -21.98 -4.76 9.01
N GLU A 514 -22.63 -3.74 8.48
CA GLU A 514 -21.97 -2.86 7.52
C GLU A 514 -22.01 -1.44 8.05
N GLN A 515 -20.87 -0.75 7.98
CA GLN A 515 -20.76 0.61 8.50
C GLN A 515 -20.15 1.47 7.39
N PRO A 516 -20.99 2.21 6.66
CA PRO A 516 -20.56 2.93 5.47
C PRO A 516 -19.88 4.28 5.77
N LEU A 517 -19.88 4.77 7.01
CA LEU A 517 -19.20 6.03 7.31
C LEU A 517 -17.69 5.81 7.30
N GLY A 518 -16.94 6.90 7.12
CA GLY A 518 -15.50 6.81 6.95
C GLY A 518 -14.78 6.40 8.21
N VAL A 519 -13.87 5.44 8.08
CA VAL A 519 -12.92 5.11 9.16
C VAL A 519 -11.51 5.17 8.57
N GLU A 520 -10.48 5.13 9.42
CA GLU A 520 -9.10 5.14 8.95
C GLU A 520 -8.43 3.79 9.12
N THR A 521 -7.46 3.47 8.26
CA THR A 521 -6.65 2.27 8.50
C THR A 521 -5.87 2.33 9.82
N VAL A 522 -5.57 3.54 10.32
CA VAL A 522 -4.91 3.63 11.63
C VAL A 522 -5.82 3.13 12.74
N ASP A 523 -7.11 2.95 12.45
CA ASP A 523 -8.03 2.39 13.44
C ASP A 523 -7.85 0.87 13.61
N ILE A 524 -7.16 0.23 12.68
CA ILE A 524 -7.06 -1.24 12.70
C ILE A 524 -6.38 -1.78 13.95
N LEU A 525 -5.23 -1.21 14.30
CA LEU A 525 -4.48 -1.70 15.45
C LEU A 525 -5.30 -1.67 16.75
N PRO A 526 -5.86 -0.51 17.12
CA PRO A 526 -6.58 -0.54 18.40
C PRO A 526 -7.81 -1.45 18.35
N SER A 527 -8.39 -1.63 17.16
CA SER A 527 -9.55 -2.51 17.02
C SER A 527 -9.16 -3.96 17.33
N LEU A 528 -8.03 -4.40 16.78
CA LEU A 528 -7.53 -5.74 17.01
C LEU A 528 -7.02 -5.92 18.43
N ALA A 529 -6.33 -4.90 18.94
CA ALA A 529 -5.79 -4.95 20.30
C ALA A 529 -6.89 -5.18 21.34
N ALA A 530 -8.04 -4.56 21.12
CA ALA A 530 -9.19 -4.72 22.01
C ALA A 530 -9.61 -6.19 22.08
N LEU A 531 -9.58 -6.89 20.94
CA LEU A 531 -9.95 -8.31 20.90
C LEU A 531 -9.05 -9.21 21.74
N ILE A 532 -7.78 -8.85 21.87
CA ILE A 532 -6.81 -9.67 22.60
C ILE A 532 -6.39 -9.01 23.91
N LYS A 533 -7.14 -7.99 24.31
CA LYS A 533 -6.96 -7.36 25.62
C LYS A 533 -5.55 -6.81 25.82
N LEU A 534 -4.97 -6.30 24.72
CA LEU A 534 -3.65 -5.70 24.75
C LEU A 534 -3.80 -4.20 24.93
N PRO A 535 -3.30 -3.66 26.05
CA PRO A 535 -3.40 -2.22 26.28
C PRO A 535 -2.53 -1.45 25.29
N VAL A 536 -3.06 -0.36 24.73
CA VAL A 536 -2.29 0.50 23.86
C VAL A 536 -2.53 1.96 24.25
N PRO A 537 -1.48 2.63 24.75
CA PRO A 537 -1.64 4.02 25.20
C PRO A 537 -2.14 4.89 24.06
N LYS A 538 -3.28 5.54 24.28
CA LYS A 538 -3.91 6.34 23.23
C LYS A 538 -2.99 7.43 22.68
N ASP A 539 -2.10 7.95 23.54
CA ASP A 539 -1.25 9.06 23.13
C ASP A 539 -0.06 8.64 22.26
N GLN A 540 0.14 7.33 22.12
CA GLN A 540 1.18 6.80 21.24
C GLN A 540 0.68 6.45 19.82
N ILE A 541 -0.63 6.54 19.61
CA ILE A 541 -1.17 6.24 18.29
C ILE A 541 -2.15 7.31 17.79
N ASP A 542 -2.49 7.24 16.50
CA ASP A 542 -3.43 8.18 15.89
C ASP A 542 -4.83 7.60 15.75
N GLY A 543 -4.92 6.28 15.60
CA GLY A 543 -6.21 5.63 15.39
C GLY A 543 -7.08 5.49 16.63
N ARG A 544 -8.34 5.13 16.43
CA ARG A 544 -9.27 4.88 17.53
C ARG A 544 -9.79 3.45 17.38
N CYS A 545 -10.28 2.87 18.47
CA CYS A 545 -10.80 1.50 18.44
C CYS A 545 -12.15 1.44 17.71
N LEU A 546 -12.26 0.56 16.73
CA LEU A 546 -13.55 0.32 16.08
C LEU A 546 -14.26 -0.82 16.77
N ASP A 547 -15.47 -0.56 17.23
CA ASP A 547 -16.30 -1.60 17.82
C ASP A 547 -16.63 -2.63 16.73
N LEU A 548 -16.29 -3.90 16.96
CA LEU A 548 -16.55 -4.95 15.97
C LEU A 548 -17.76 -5.82 16.34
N VAL A 549 -18.49 -5.46 17.38
CA VAL A 549 -19.65 -6.24 17.80
C VAL A 549 -20.93 -5.49 17.41
N ALA A 550 -21.68 -6.05 16.48
CA ALA A 550 -22.91 -5.42 16.03
C ALA A 550 -23.85 -5.25 17.22
N GLY A 551 -24.62 -4.17 17.27
CA GLY A 551 -25.64 -4.03 18.32
C GLY A 551 -25.08 -3.63 19.67
N LYS A 552 -25.77 -3.97 20.75
CA LYS A 552 -25.51 -3.35 22.05
C LYS A 552 -24.10 -3.55 22.65
N ASP A 553 -23.57 -4.77 22.59
CA ASP A 553 -22.28 -5.04 23.20
C ASP A 553 -21.15 -4.38 22.41
N ASP A 554 -20.04 -4.07 23.06
CA ASP A 554 -18.97 -3.29 22.44
C ASP A 554 -17.61 -3.93 22.72
N SER A 555 -16.88 -4.29 21.66
CA SER A 555 -15.58 -4.95 21.83
C SER A 555 -14.51 -3.98 22.33
N CYS A 556 -14.76 -2.68 22.15
CA CYS A 556 -13.86 -1.65 22.65
C CYS A 556 -14.07 -1.46 24.15
ZN ZN B . 0.82 -0.22 -2.89
ZN ZN C . 1.52 0.96 -6.75
CA CA D . -21.69 -2.67 19.46
C1 GOL E . 2.83 13.64 14.65
O1 GOL E . 2.56 14.28 13.42
C2 GOL E . 1.54 13.51 15.44
O2 GOL E . 1.18 14.77 15.97
C3 GOL E . 0.45 13.03 14.49
O3 GOL E . 0.75 11.72 14.05
C1 GOL F . 1.66 13.81 -2.29
O1 GOL F . 1.28 13.82 -0.93
C2 GOL F . 0.52 13.33 -3.20
O2 GOL F . -0.75 13.54 -2.60
C3 GOL F . 0.56 14.08 -4.53
O3 GOL F . 0.98 13.18 -5.54
C1 GOL G . -28.18 -9.63 19.68
O1 GOL G . -28.84 -10.32 18.64
C2 GOL G . -27.99 -8.18 19.27
O2 GOL G . -26.86 -8.08 18.44
C3 GOL G . -27.82 -7.31 20.51
O3 GOL G . -27.98 -5.95 20.16
C1 GOL H . -10.03 15.43 -1.37
O1 GOL H . -10.17 14.05 -1.56
C2 GOL H . -11.18 15.93 -0.52
O2 GOL H . -12.07 14.86 -0.31
C3 GOL H . -11.89 17.09 -1.19
O3 GOL H . -11.18 18.30 -0.94
C1 GOL I . 0.22 20.08 14.77
O1 GOL I . 1.56 20.12 14.33
C2 GOL I . 0.06 19.02 15.85
O2 GOL I . 1.00 19.27 16.87
C3 GOL I . -1.35 19.06 16.44
O3 GOL I . -1.53 17.99 17.35
P KOP J . 3.64 1.42 -4.98
C1 KOP J . 3.72 3.23 -6.77
O4 KOP J . 3.98 1.91 -6.44
O1P KOP J . 3.49 2.66 -4.11
O2P KOP J . 4.75 0.50 -4.44
O3P KOP J . 2.35 0.61 -4.94
#